data_5ZML
#
_entry.id   5ZML
#
_cell.length_a   38.290
_cell.length_b   91.610
_cell.length_c   136.830
_cell.angle_alpha   90.00
_cell.angle_beta   90.00
_cell.angle_gamma   90.00
#
_symmetry.space_group_name_H-M   'C 2 2 21'
#
loop_
_entity.id
_entity.type
_entity.pdbx_description
1 polymer 'Eukaryotic translation initiation factor 4E'
2 polymer ACE-LYS-LYS-ARG-TYR-SER-ARG-MK8-GLN-LEU-LEU-MK8-PHE-ARG-ARG
3 non-polymer 'NITRATE ION'
4 non-polymer 1,2-ETHANEDIOL
5 water water
#
loop_
_entity_poly.entity_id
_entity_poly.type
_entity_poly.pdbx_seq_one_letter_code
_entity_poly.pdbx_strand_id
1 'polypeptide(L)'
;EVANPEHYIKHPLQNRWALWFFKNDKSKTWQANLRLISKFDTVEDFWALYNHIQLSSNLMPGCDYSLFKDGIEPMWEDEK
NKRGGRWLITLNKQQRRSDLDRFWLETLLCLIGESFDDYSDDVCGAVVNVRAKGDKIAIWTTECENREAVTHIGRVYKER
LGLPPKIVIGYQSHADTATKSGSTTKNRFVV
;
A
2 'polypeptide(L)' (ACE)KKRYSR(MK8)QLL(MK8)FRRR B
#
# COMPACT_ATOMS: atom_id res chain seq x y z
N GLU A 1 -1.40 34.87 -25.70
CA GLU A 1 -0.64 33.76 -25.07
C GLU A 1 -0.98 33.63 -23.58
N VAL A 2 -0.84 32.40 -23.09
CA VAL A 2 -0.99 32.14 -21.64
C VAL A 2 0.33 31.60 -21.14
N ALA A 3 0.45 31.47 -19.82
CA ALA A 3 1.67 30.95 -19.20
C ALA A 3 1.86 29.48 -19.58
N ASN A 4 3.09 29.00 -19.48
CA ASN A 4 3.41 27.61 -19.82
C ASN A 4 3.10 26.79 -18.57
N PRO A 5 2.16 25.85 -18.66
CA PRO A 5 1.77 25.10 -17.45
C PRO A 5 2.91 24.36 -16.76
N GLU A 6 3.93 23.95 -17.52
CA GLU A 6 5.14 23.32 -16.94
C GLU A 6 5.75 24.13 -15.80
N HIS A 7 5.65 25.46 -15.88
CA HIS A 7 6.31 26.35 -14.94
C HIS A 7 5.58 26.48 -13.61
N TYR A 8 4.29 26.12 -13.52
CA TYR A 8 3.53 26.40 -12.30
C TYR A 8 2.46 25.37 -11.88
N ILE A 9 2.06 24.39 -12.70
CA ILE A 9 1.05 23.43 -12.25
C ILE A 9 1.66 22.35 -11.38
N LYS A 10 0.91 21.93 -10.41
CA LYS A 10 1.23 20.69 -9.68
C LYS A 10 1.06 19.52 -10.65
N HIS A 11 1.74 18.42 -10.38
CA HIS A 11 1.75 17.29 -11.30
C HIS A 11 0.68 16.29 -10.85
N PRO A 12 -0.41 16.16 -11.63
CA PRO A 12 -1.54 15.38 -11.16
C PRO A 12 -1.29 13.88 -11.16
N LEU A 13 -1.89 13.21 -10.20
CA LEU A 13 -1.85 11.74 -10.18
C LEU A 13 -3.03 11.21 -10.96
N GLN A 14 -2.92 9.98 -11.42
CA GLN A 14 -4.06 9.33 -12.09
C GLN A 14 -5.25 9.20 -11.16
N ASN A 15 -5.01 8.89 -9.87
CA ASN A 15 -6.06 8.75 -8.87
C ASN A 15 -5.86 9.70 -7.68
N ARG A 16 -6.95 10.10 -7.04
CA ARG A 16 -6.91 10.66 -5.69
C ARG A 16 -6.76 9.50 -4.68
N TRP A 17 -5.84 9.67 -3.75
CA TRP A 17 -5.58 8.66 -2.71
C TRP A 17 -5.90 9.24 -1.33
N ALA A 18 -6.19 8.36 -0.39
CA ALA A 18 -6.50 8.72 0.97
C ALA A 18 -5.57 7.94 1.87
N LEU A 19 -4.90 8.66 2.76
CA LEU A 19 -4.11 8.01 3.80
C LEU A 19 -4.93 7.91 5.09
N TRP A 20 -4.93 6.70 5.65
CA TRP A 20 -5.65 6.37 6.88
C TRP A 20 -4.69 5.94 7.98
N PHE A 21 -5.12 6.16 9.23
CA PHE A 21 -4.37 5.75 10.40
C PHE A 21 -5.25 4.90 11.29
N PHE A 22 -4.71 3.75 11.71
CA PHE A 22 -5.36 2.92 12.69
C PHE A 22 -4.56 3.02 13.98
N LYS A 23 -5.23 3.50 15.02
CA LYS A 23 -4.63 3.69 16.33
C LYS A 23 -4.97 2.46 17.16
N ASN A 24 -3.97 1.77 17.65
CA ASN A 24 -4.20 0.69 18.60
C ASN A 24 -4.69 1.28 19.94
N ASP A 25 -6.00 1.15 20.18
CA ASP A 25 -6.58 1.49 21.47
C ASP A 25 -7.65 0.44 21.77
N LYS A 26 -7.29 -0.52 22.63
CA LYS A 26 -8.17 -1.66 22.95
C LYS A 26 -9.45 -1.26 23.69
N SER A 27 -9.51 -0.05 24.23
CA SER A 27 -10.71 0.43 24.90
C SER A 27 -11.79 0.90 23.91
N LYS A 28 -11.45 1.03 22.62
CA LYS A 28 -12.38 1.48 21.60
C LYS A 28 -12.60 0.39 20.55
N THR A 29 -13.63 0.57 19.70
CA THR A 29 -13.89 -0.37 18.61
C THR A 29 -12.91 -0.14 17.48
N TRP A 30 -12.82 -1.14 16.61
CA TRP A 30 -12.04 -1.08 15.38
C TRP A 30 -12.47 0.15 14.54
N GLN A 31 -13.78 0.33 14.36
CA GLN A 31 -14.30 1.50 13.62
C GLN A 31 -13.84 2.85 14.18
N ALA A 32 -13.88 2.98 15.51
CA ALA A 32 -13.48 4.23 16.19
C ALA A 32 -11.97 4.48 16.10
N ASN A 33 -11.21 3.39 15.98
CA ASN A 33 -9.76 3.45 15.85
C ASN A 33 -9.23 3.71 14.44
N LEU A 34 -10.08 3.55 13.43
CA LEU A 34 -9.70 3.84 12.05
C LEU A 34 -10.18 5.22 11.63
N ARG A 35 -9.23 6.10 11.30
CA ARG A 35 -9.55 7.44 10.85
C ARG A 35 -8.77 7.84 9.61
N LEU A 36 -9.42 8.61 8.77
CA LEU A 36 -8.77 9.28 7.65
C LEU A 36 -7.80 10.31 8.17
N ILE A 37 -6.62 10.39 7.58
CA ILE A 37 -5.76 11.54 7.76
C ILE A 37 -6.18 12.59 6.74
N SER A 38 -5.91 12.34 5.48
CA SER A 38 -6.19 13.30 4.42
C SER A 38 -6.04 12.63 3.09
N LYS A 39 -6.43 13.36 2.05
CA LYS A 39 -6.42 12.89 0.70
C LYS A 39 -5.54 13.81 -0.15
N PHE A 40 -5.05 13.29 -1.26
CA PHE A 40 -4.21 14.06 -2.19
C PHE A 40 -4.32 13.49 -3.59
N ASP A 41 -4.05 14.34 -4.56
CA ASP A 41 -4.13 13.93 -5.96
C ASP A 41 -3.07 14.53 -6.88
N THR A 42 -1.96 14.98 -6.30
CA THR A 42 -0.80 15.44 -7.04
C THR A 42 0.43 14.91 -6.35
N VAL A 43 1.54 14.92 -7.07
CA VAL A 43 2.81 14.46 -6.55
C VAL A 43 3.24 15.37 -5.40
N GLU A 44 3.08 16.69 -5.61
CA GLU A 44 3.46 17.69 -4.61
C GLU A 44 2.66 17.55 -3.31
N ASP A 45 1.35 17.28 -3.43
CA ASP A 45 0.52 17.09 -2.24
C ASP A 45 0.84 15.79 -1.51
N PHE A 46 1.19 14.73 -2.27
CA PHE A 46 1.71 13.52 -1.64
C PHE A 46 2.92 13.83 -0.76
N TRP A 47 3.89 14.56 -1.30
CA TRP A 47 5.11 14.81 -0.50
C TRP A 47 4.82 15.71 0.70
N ALA A 48 3.93 16.69 0.57
CA ALA A 48 3.55 17.52 1.73
C ALA A 48 3.03 16.67 2.87
N LEU A 49 2.25 15.63 2.54
CA LEU A 49 1.77 14.68 3.53
C LEU A 49 2.89 13.82 4.09
N TYR A 50 3.59 13.13 3.21
CA TYR A 50 4.63 12.18 3.64
C TYR A 50 5.71 12.87 4.48
N ASN A 51 6.11 14.05 4.04
CA ASN A 51 7.19 14.78 4.72
C ASN A 51 6.88 15.15 6.19
N HIS A 52 5.59 15.28 6.57
CA HIS A 52 5.26 15.74 7.92
C HIS A 52 4.79 14.66 8.91
N ILE A 53 4.67 13.42 8.44
CA ILE A 53 4.19 12.31 9.26
C ILE A 53 5.31 11.37 9.68
N GLN A 54 5.07 10.68 10.79
CA GLN A 54 6.04 9.74 11.36
CA GLN A 54 6.08 9.78 11.32
C GLN A 54 6.34 8.63 10.36
N LEU A 55 7.59 8.17 10.35
CA LEU A 55 7.97 6.93 9.68
C LEU A 55 7.27 5.76 10.35
N SER A 56 6.93 4.73 9.58
CA SER A 56 6.25 3.53 10.10
C SER A 56 7.01 2.90 11.28
N SER A 57 8.34 2.87 11.17
CA SER A 57 9.19 2.33 12.25
C SER A 57 9.07 3.09 13.59
N ASN A 58 8.56 4.33 13.58
CA ASN A 58 8.31 5.10 14.82
C ASN A 58 6.89 5.06 15.36
N LEU A 59 5.99 4.31 14.72
CA LEU A 59 4.63 4.25 15.22
C LEU A 59 4.60 3.34 16.44
N MET A 60 3.58 3.53 17.27
CA MET A 60 3.37 2.66 18.43
C MET A 60 2.94 1.24 17.97
N PRO A 61 3.27 0.20 18.77
CA PRO A 61 2.85 -1.16 18.40
C PRO A 61 1.35 -1.29 18.19
N GLY A 62 0.98 -1.96 17.10
CA GLY A 62 -0.42 -2.21 16.81
C GLY A 62 -1.07 -1.21 15.87
N CYS A 63 -0.35 -0.15 15.49
CA CYS A 63 -0.88 0.88 14.58
C CYS A 63 -0.61 0.55 13.11
N ASP A 64 -1.42 1.14 12.22
CA ASP A 64 -1.31 0.95 10.77
C ASP A 64 -1.34 2.28 10.07
N TYR A 65 -0.63 2.35 8.95
CA TYR A 65 -0.94 3.29 7.89
C TYR A 65 -1.58 2.51 6.76
N SER A 66 -2.54 3.14 6.06
CA SER A 66 -3.10 2.56 4.83
C SER A 66 -3.22 3.63 3.79
N LEU A 67 -2.87 3.33 2.55
CA LEU A 67 -3.11 4.28 1.45
C LEU A 67 -4.02 3.59 0.44
N PHE A 68 -5.23 4.11 0.28
CA PHE A 68 -6.24 3.52 -0.62
C PHE A 68 -6.81 4.53 -1.59
N LYS A 69 -7.24 4.03 -2.74
CA LYS A 69 -7.88 4.93 -3.72
C LYS A 69 -9.07 5.58 -3.07
N ASP A 70 -9.32 6.84 -3.42
CA ASP A 70 -10.46 7.58 -2.89
C ASP A 70 -11.72 6.75 -3.09
N GLY A 71 -12.50 6.62 -2.03
CA GLY A 71 -13.74 5.88 -2.04
C GLY A 71 -13.62 4.39 -1.75
N ILE A 72 -12.40 3.88 -1.52
CA ILE A 72 -12.23 2.51 -1.02
C ILE A 72 -11.75 2.57 0.41
N GLU A 73 -12.51 1.99 1.34
CA GLU A 73 -12.09 1.95 2.74
C GLU A 73 -11.10 0.82 2.95
N PRO A 74 -10.13 0.98 3.89
CA PRO A 74 -9.07 -0.04 4.06
C PRO A 74 -9.51 -1.21 4.94
N MET A 75 -10.56 -1.88 4.47
CA MET A 75 -11.17 -2.99 5.17
C MET A 75 -11.62 -3.98 4.14
N TRP A 76 -11.47 -5.25 4.43
CA TRP A 76 -11.77 -6.25 3.41
C TRP A 76 -13.25 -6.27 3.03
N GLU A 77 -14.13 -5.76 3.90
CA GLU A 77 -15.57 -5.73 3.65
C GLU A 77 -16.03 -4.70 2.61
N ASP A 78 -15.17 -3.76 2.23
CA ASP A 78 -15.50 -2.79 1.21
C ASP A 78 -15.82 -3.54 -0.08
N GLU A 79 -16.77 -3.02 -0.85
CA GLU A 79 -17.14 -3.59 -2.16
C GLU A 79 -15.94 -3.91 -3.06
N LYS A 80 -14.97 -3.02 -3.11
CA LYS A 80 -13.80 -3.23 -3.96
C LYS A 80 -12.74 -4.19 -3.40
N ASN A 81 -12.85 -4.54 -2.13
CA ASN A 81 -11.91 -5.48 -1.49
C ASN A 81 -12.48 -6.87 -1.26
N LYS A 82 -13.80 -7.02 -1.13
CA LYS A 82 -14.35 -8.30 -0.63
C LYS A 82 -14.01 -9.56 -1.43
N ARG A 83 -13.90 -9.42 -2.74
CA ARG A 83 -13.49 -10.53 -3.60
C ARG A 83 -12.00 -10.52 -3.90
N GLY A 84 -11.25 -9.70 -3.15
CA GLY A 84 -9.88 -9.39 -3.47
C GLY A 84 -8.91 -10.14 -2.59
N GLY A 85 -7.70 -9.61 -2.50
CA GLY A 85 -6.61 -10.24 -1.78
C GLY A 85 -5.41 -9.32 -1.66
N ARG A 86 -4.30 -9.87 -1.19
CA ARG A 86 -3.11 -9.07 -0.98
C ARG A 86 -1.83 -9.82 -1.24
N TRP A 87 -0.87 -9.11 -1.84
CA TRP A 87 0.52 -9.53 -1.83
C TRP A 87 1.13 -9.13 -0.51
N LEU A 88 1.61 -10.12 0.26
CA LEU A 88 2.04 -9.90 1.64
C LEU A 88 3.56 -9.97 1.76
N ILE A 89 4.11 -8.95 2.38
CA ILE A 89 5.53 -8.85 2.74
C ILE A 89 5.57 -8.97 4.25
N THR A 90 6.19 -10.03 4.75
CA THR A 90 6.39 -10.23 6.18
C THR A 90 7.81 -9.81 6.56
N LEU A 91 7.94 -9.02 7.61
CA LEU A 91 9.25 -8.56 8.07
C LEU A 91 9.50 -9.15 9.46
N ASN A 92 10.71 -9.62 9.69
CA ASN A 92 11.16 -10.03 11.01
C ASN A 92 11.55 -8.79 11.81
N LYS A 93 11.86 -9.02 13.08
CA LYS A 93 12.13 -7.93 14.01
C LYS A 93 13.37 -7.12 13.62
N GLN A 94 14.33 -7.72 12.91
CA GLN A 94 15.53 -7.01 12.42
C GLN A 94 15.23 -6.12 11.19
N GLN A 95 14.28 -6.55 10.36
CA GLN A 95 13.88 -5.80 9.16
C GLN A 95 13.11 -4.51 9.47
N ARG A 96 12.51 -4.40 10.65
CA ARG A 96 12.02 -3.12 11.18
C ARG A 96 13.05 -2.03 10.91
N ARG A 97 14.31 -2.34 11.23
CA ARG A 97 15.38 -1.36 11.13
C ARG A 97 15.83 -1.17 9.68
N SER A 98 16.16 -2.27 9.00
CA SER A 98 16.81 -2.19 7.69
C SER A 98 15.86 -1.94 6.51
N ASP A 99 14.61 -2.41 6.60
CA ASP A 99 13.72 -2.45 5.43
C ASP A 99 12.32 -1.80 5.53
N LEU A 100 11.75 -1.66 6.73
CA LEU A 100 10.31 -1.32 6.84
C LEU A 100 10.00 -0.01 6.12
N ASP A 101 10.69 1.06 6.53
CA ASP A 101 10.41 2.38 5.95
C ASP A 101 10.73 2.48 4.46
N ARG A 102 11.86 1.89 4.01
CA ARG A 102 12.20 1.89 2.60
C ARG A 102 11.13 1.17 1.80
N PHE A 103 10.75 -0.02 2.27
CA PHE A 103 9.71 -0.82 1.59
C PHE A 103 8.37 -0.09 1.56
N TRP A 104 7.99 0.54 2.66
CA TRP A 104 6.71 1.28 2.70
C TRP A 104 6.73 2.48 1.75
N LEU A 105 7.81 3.28 1.74
CA LEU A 105 7.88 4.36 0.75
C LEU A 105 7.82 3.85 -0.69
N GLU A 106 8.57 2.77 -0.97
CA GLU A 106 8.56 2.16 -2.30
C GLU A 106 7.14 1.76 -2.68
N THR A 107 6.40 1.25 -1.69
CA THR A 107 5.04 0.81 -1.89
C THR A 107 4.14 2.01 -2.26
N LEU A 108 4.24 3.07 -1.48
CA LEU A 108 3.52 4.31 -1.79
C LEU A 108 3.83 4.80 -3.17
N LEU A 109 5.11 4.81 -3.53
CA LEU A 109 5.48 5.29 -4.86
C LEU A 109 4.93 4.38 -5.99
N CYS A 110 4.94 3.06 -5.78
CA CYS A 110 4.32 2.13 -6.73
C CYS A 110 2.84 2.50 -6.97
N LEU A 111 2.12 2.72 -5.87
CA LEU A 111 0.70 3.07 -5.95
C LEU A 111 0.48 4.37 -6.68
N ILE A 112 1.05 5.44 -6.16
CA ILE A 112 0.72 6.77 -6.73
C ILE A 112 1.21 6.94 -8.15
N GLY A 113 2.32 6.28 -8.47
CA GLY A 113 2.92 6.30 -9.79
C GLY A 113 2.27 5.44 -10.88
N GLU A 114 1.30 4.61 -10.48
CA GLU A 114 0.57 3.69 -11.38
C GLU A 114 1.56 2.73 -12.03
N SER A 115 2.27 2.01 -11.20
CA SER A 115 3.45 1.28 -11.63
C SER A 115 3.13 -0.13 -12.17
N PHE A 116 1.85 -0.47 -12.30
CA PHE A 116 1.46 -1.84 -12.62
C PHE A 116 0.97 -1.97 -14.04
N ASP A 117 1.33 -0.99 -14.88
CA ASP A 117 1.17 -1.08 -16.33
C ASP A 117 -0.33 -1.19 -16.61
N ASP A 118 -0.72 -2.18 -17.41
CA ASP A 118 -2.12 -2.38 -17.74
C ASP A 118 -2.98 -2.87 -16.58
N TYR A 119 -2.38 -3.20 -15.43
CA TYR A 119 -3.12 -3.77 -14.31
C TYR A 119 -3.28 -2.82 -13.11
N SER A 120 -2.89 -1.57 -13.29
CA SER A 120 -3.05 -0.56 -12.23
C SER A 120 -4.48 -0.42 -11.67
N ASP A 121 -5.49 -0.61 -12.51
CA ASP A 121 -6.88 -0.52 -12.04
C ASP A 121 -7.28 -1.62 -11.04
N ASP A 122 -6.61 -2.77 -11.07
CA ASP A 122 -6.84 -3.82 -10.05
C ASP A 122 -6.35 -3.46 -8.64
N VAL A 123 -5.42 -2.49 -8.51
CA VAL A 123 -4.89 -2.12 -7.20
C VAL A 123 -5.91 -1.28 -6.42
N CYS A 124 -6.13 -1.65 -5.15
CA CYS A 124 -7.01 -0.89 -4.27
C CYS A 124 -6.22 0.02 -3.33
N GLY A 125 -5.09 -0.49 -2.85
CA GLY A 125 -4.36 0.23 -1.83
C GLY A 125 -3.29 -0.63 -1.23
N ALA A 126 -2.75 -0.13 -0.12
CA ALA A 126 -1.71 -0.83 0.61
C ALA A 126 -1.83 -0.52 2.09
N VAL A 127 -1.34 -1.45 2.91
CA VAL A 127 -1.38 -1.32 4.35
C VAL A 127 0.00 -1.68 4.90
N VAL A 128 0.42 -0.94 5.92
CA VAL A 128 1.57 -1.36 6.72
C VAL A 128 1.10 -1.55 8.14
N ASN A 129 1.34 -2.75 8.69
CA ASN A 129 0.98 -3.11 10.05
C ASN A 129 2.29 -3.14 10.86
N VAL A 130 2.34 -2.29 11.88
CA VAL A 130 3.47 -2.18 12.76
C VAL A 130 3.15 -3.07 13.97
N ARG A 131 3.87 -4.15 14.13
CA ARG A 131 3.52 -5.15 15.12
C ARG A 131 4.78 -5.69 15.79
N ALA A 132 4.68 -5.86 17.10
CA ALA A 132 5.75 -6.45 17.92
C ALA A 132 6.15 -7.83 17.41
N LYS A 133 5.16 -8.64 17.03
CA LYS A 133 5.39 -10.00 16.51
C LYS A 133 6.09 -10.04 15.17
N GLY A 134 6.03 -8.93 14.40
CA GLY A 134 6.65 -8.84 13.08
C GLY A 134 5.81 -7.94 12.19
N ASP A 135 6.45 -6.99 11.51
CA ASP A 135 5.70 -6.05 10.67
C ASP A 135 5.23 -6.69 9.37
N LYS A 136 4.22 -6.10 8.74
CA LYS A 136 3.70 -6.55 7.45
C LYS A 136 3.43 -5.37 6.55
N ILE A 137 3.68 -5.54 5.26
CA ILE A 137 3.28 -4.60 4.24
C ILE A 137 2.57 -5.40 3.19
N ALA A 138 1.48 -4.85 2.67
CA ALA A 138 0.70 -5.55 1.68
C ALA A 138 0.12 -4.60 0.67
N ILE A 139 0.10 -5.03 -0.59
CA ILE A 139 -0.69 -4.41 -1.63
C ILE A 139 -1.97 -5.21 -1.82
N TRP A 140 -3.09 -4.51 -1.76
CA TRP A 140 -4.43 -5.07 -1.83
C TRP A 140 -4.93 -4.87 -3.26
N THR A 141 -5.45 -5.96 -3.85
CA THR A 141 -6.03 -5.90 -5.19
C THR A 141 -7.49 -6.34 -5.11
N THR A 142 -8.23 -6.08 -6.17
CA THR A 142 -9.69 -6.09 -6.12
C THR A 142 -10.33 -7.48 -6.40
N GLU A 143 -9.61 -8.37 -7.06
CA GLU A 143 -10.18 -9.66 -7.50
C GLU A 143 -9.12 -10.75 -7.49
N CYS A 144 -9.24 -11.69 -6.55
CA CYS A 144 -8.26 -12.75 -6.40
C CYS A 144 -8.25 -13.76 -7.55
N GLU A 145 -9.30 -13.78 -8.37
CA GLU A 145 -9.38 -14.69 -9.54
C GLU A 145 -8.94 -14.07 -10.87
N ASN A 146 -8.49 -12.81 -10.83
CA ASN A 146 -7.82 -12.18 -11.97
C ASN A 146 -6.37 -12.62 -11.95
N ARG A 147 -6.11 -13.83 -12.44
CA ARG A 147 -4.81 -14.46 -12.30
C ARG A 147 -3.68 -13.67 -12.98
N GLU A 148 -3.99 -13.10 -14.13
CA GLU A 148 -2.99 -12.41 -14.94
C GLU A 148 -2.57 -11.12 -14.21
N ALA A 149 -3.58 -10.36 -13.80
CA ALA A 149 -3.37 -9.12 -13.05
C ALA A 149 -2.64 -9.31 -11.74
N VAL A 150 -3.06 -10.31 -10.96
CA VAL A 150 -2.49 -10.54 -9.66
C VAL A 150 -1.02 -10.94 -9.78
N THR A 151 -0.75 -11.86 -10.71
CA THR A 151 0.60 -12.31 -10.96
C THR A 151 1.49 -11.15 -11.44
N HIS A 152 0.97 -10.34 -12.35
CA HIS A 152 1.71 -9.19 -12.89
C HIS A 152 2.06 -8.19 -11.77
N ILE A 153 1.05 -7.80 -11.01
CA ILE A 153 1.25 -6.92 -9.85
C ILE A 153 2.33 -7.45 -8.91
N GLY A 154 2.29 -8.75 -8.60
CA GLY A 154 3.31 -9.38 -7.75
C GLY A 154 4.73 -9.26 -8.26
N ARG A 155 4.92 -9.56 -9.54
CA ARG A 155 6.25 -9.49 -10.09
C ARG A 155 6.78 -8.05 -10.04
N VAL A 156 5.92 -7.10 -10.41
CA VAL A 156 6.30 -5.68 -10.42
C VAL A 156 6.72 -5.25 -9.04
N TYR A 157 5.90 -5.64 -8.06
CA TYR A 157 6.09 -5.23 -6.69
C TYR A 157 7.37 -5.86 -6.15
N LYS A 158 7.56 -7.15 -6.39
CA LYS A 158 8.78 -7.81 -5.94
C LYS A 158 10.03 -7.10 -6.48
N GLU A 159 10.00 -6.76 -7.75
CA GLU A 159 11.16 -6.14 -8.38
C GLU A 159 11.35 -4.69 -7.94
N ARG A 160 10.25 -3.97 -7.74
CA ARG A 160 10.37 -2.63 -7.17
C ARG A 160 10.93 -2.61 -5.77
N LEU A 161 10.60 -3.61 -4.97
CA LEU A 161 11.16 -3.74 -3.62
C LEU A 161 12.61 -4.24 -3.60
N GLY A 162 13.06 -4.80 -4.73
CA GLY A 162 14.43 -5.28 -4.87
C GLY A 162 14.69 -6.59 -4.15
N LEU A 163 13.70 -7.47 -4.11
CA LEU A 163 13.84 -8.76 -3.44
C LEU A 163 14.50 -9.72 -4.43
N PRO A 164 15.51 -10.49 -3.98
CA PRO A 164 16.15 -11.43 -4.91
C PRO A 164 15.27 -12.66 -5.24
N PRO A 165 15.59 -13.40 -6.33
CA PRO A 165 14.75 -14.53 -6.77
C PRO A 165 14.56 -15.59 -5.68
N LYS A 166 15.62 -15.82 -4.91
CA LYS A 166 15.62 -16.65 -3.70
C LYS A 166 14.43 -16.38 -2.76
N ILE A 167 14.14 -15.10 -2.52
CA ILE A 167 13.00 -14.69 -1.68
C ILE A 167 11.68 -14.95 -2.41
N VAL A 168 10.73 -15.54 -1.70
CA VAL A 168 9.42 -15.90 -2.23
C VAL A 168 8.38 -15.09 -1.49
N ILE A 169 7.48 -14.43 -2.21
CA ILE A 169 6.33 -13.76 -1.56
C ILE A 169 5.01 -14.34 -2.06
N GLY A 170 4.00 -14.29 -1.19
CA GLY A 170 2.71 -14.89 -1.44
C GLY A 170 1.52 -13.95 -1.52
N TYR A 171 0.52 -14.37 -2.29
CA TYR A 171 -0.73 -13.65 -2.40
C TYR A 171 -1.80 -14.50 -1.74
N GLN A 172 -2.60 -13.88 -0.87
CA GLN A 172 -3.68 -14.55 -0.16
C GLN A 172 -4.98 -13.79 -0.36
N SER A 173 -6.07 -14.49 -0.71
CA SER A 173 -7.36 -13.84 -0.77
C SER A 173 -7.81 -13.46 0.64
N HIS A 174 -8.57 -12.37 0.73
CA HIS A 174 -9.04 -11.89 2.03
C HIS A 174 -9.97 -12.93 2.68
N ALA A 175 -10.80 -13.55 1.85
CA ALA A 175 -11.68 -14.67 2.27
C ALA A 175 -10.89 -15.80 2.91
N ASP A 176 -9.81 -16.24 2.25
CA ASP A 176 -8.96 -17.28 2.81
C ASP A 176 -8.31 -16.87 4.12
N THR A 177 -7.83 -15.63 4.19
CA THR A 177 -7.25 -15.09 5.41
C THR A 177 -8.27 -15.08 6.55
N ALA A 178 -9.49 -14.65 6.23
CA ALA A 178 -10.60 -14.59 7.20
C ALA A 178 -11.01 -15.97 7.74
N THR A 179 -10.94 -17.00 6.89
CA THR A 179 -11.41 -18.33 7.26
C THR A 179 -10.28 -19.30 7.62
N LYS A 180 -9.06 -18.80 7.76
CA LYS A 180 -7.90 -19.68 7.92
C LYS A 180 -7.96 -20.45 9.22
N SER A 181 -7.71 -21.76 9.14
CA SER A 181 -7.42 -22.57 10.31
C SER A 181 -5.94 -22.38 10.65
N GLY A 182 -5.66 -22.08 11.91
CA GLY A 182 -4.29 -21.93 12.39
C GLY A 182 -3.64 -20.63 11.99
N SER A 183 -2.32 -20.56 12.17
CA SER A 183 -1.54 -19.33 12.02
C SER A 183 -1.32 -18.87 10.57
N THR A 184 -1.12 -19.81 9.66
CA THR A 184 -0.75 -19.52 8.28
C THR A 184 -1.93 -19.65 7.31
N THR A 185 -2.00 -18.75 6.33
CA THR A 185 -3.00 -18.78 5.26
C THR A 185 -2.37 -19.32 3.98
N LYS A 186 -3.08 -20.18 3.26
CA LYS A 186 -2.58 -20.71 1.97
C LYS A 186 -2.42 -19.60 0.92
N ASN A 187 -1.41 -19.74 0.07
CA ASN A 187 -1.15 -18.78 -1.01
C ASN A 187 -1.86 -19.19 -2.30
N ARG A 188 -2.69 -18.30 -2.84
CA ARG A 188 -3.23 -18.51 -4.19
C ARG A 188 -2.15 -18.38 -5.26
N PHE A 189 -1.23 -17.44 -5.04
CA PHE A 189 -0.09 -17.23 -5.93
C PHE A 189 1.17 -16.94 -5.14
N VAL A 190 2.30 -17.19 -5.81
CA VAL A 190 3.62 -16.88 -5.30
C VAL A 190 4.46 -16.32 -6.44
N VAL A 191 5.42 -15.44 -6.11
CA VAL A 191 6.40 -14.91 -7.08
C VAL A 191 7.75 -14.76 -6.39
N LYS B 2 -3.70 8.75 -19.41
CA LYS B 2 -3.24 8.22 -18.12
C LYS B 2 -1.90 8.76 -17.60
N LYS B 3 -1.79 8.94 -16.29
CA LYS B 3 -0.59 9.49 -15.66
C LYS B 3 0.21 8.40 -14.95
N ARG B 4 1.40 8.13 -15.48
CA ARG B 4 2.34 7.22 -14.86
C ARG B 4 3.60 7.99 -14.53
N TYR B 5 4.11 7.79 -13.32
CA TYR B 5 5.37 8.36 -12.92
C TYR B 5 6.30 7.27 -12.53
N SER B 6 7.53 7.38 -13.00
CA SER B 6 8.58 6.52 -12.56
C SER B 6 8.92 6.90 -11.16
N ARG B 7 9.53 5.95 -10.49
CA ARG B 7 10.08 6.19 -9.20
C ARG B 7 10.97 7.45 -9.20
N GLN B 9 11.08 10.05 -11.21
CA GLN B 9 10.28 11.26 -11.38
C GLN B 9 9.63 11.68 -10.07
N LEU B 10 9.12 10.69 -9.33
CA LEU B 10 8.48 11.02 -8.06
C LEU B 10 9.46 11.61 -7.07
N LEU B 11 10.65 11.03 -6.98
CA LEU B 11 11.65 11.56 -6.08
C LEU B 11 12.07 12.97 -6.51
N PHE B 13 10.39 15.28 -8.03
CA PHE B 13 9.34 16.25 -7.71
C PHE B 13 9.17 16.56 -6.22
N ARG B 14 9.92 15.87 -5.37
CA ARG B 14 9.98 16.22 -3.95
C ARG B 14 10.76 17.54 -3.73
N ARG B 15 11.80 17.76 -4.52
CA ARG B 15 12.76 18.87 -4.30
C ARG B 15 12.10 20.24 -4.27
#